data_7NEJ
#
_entry.id   7NEJ
#
loop_
_entity.id
_entity.type
_entity.pdbx_description
1 polymer "DNA (5'-D(*CP*TP*AP*CP*AP*CP*GP*G)-3')"
2 polymer "RNA (5'-R(*CP*CP*GP*UP*GP*UP*AP*G)-3')"
#
loop_
_entity_poly.entity_id
_entity_poly.type
_entity_poly.pdbx_seq_one_letter_code
_entity_poly.pdbx_strand_id
1 'polydeoxyribonucleotide' (DC)(DT)(DA)(DC)(DA)(DC)(DG)(DG) A
2 'polyribonucleotide' CCGUGUAG B
#